data_2YDH
#
_entry.id   2YDH
#
_cell.length_a   61.899
_cell.length_b   61.899
_cell.length_c   157.628
_cell.angle_alpha   90.00
_cell.angle_beta   90.00
_cell.angle_gamma   90.00
#
_symmetry.space_group_name_H-M   'P 43 21 2'
#
loop_
_entity.id
_entity.type
_entity.pdbx_description
1 polymer 'SAM-I RIBOSWITCH'
2 non-polymer 'BARIUM ION'
3 non-polymer S-ADENOSYLMETHIONINE
4 water water
#
_entity_poly.entity_id   1
_entity_poly.type   'polyribonucleotide'
_entity_poly.pdbx_seq_one_letter_code
;GGCUUAUCAAGAGAGGUUUAGGGACUGGCCCGACGAAACCCGGCAACCAGAAAUGGUGCCAAUUCCUGCAGCGGAAACGU
UGAAAGAUGAGCCG
;
_entity_poly.pdbx_strand_id   A
#